data_1Y7I
#
_entry.id   1Y7I
#
_cell.length_a   141.221
_cell.length_b   48.024
_cell.length_c   92.590
_cell.angle_alpha   90.00
_cell.angle_beta   110.63
_cell.angle_gamma   90.00
#
_symmetry.space_group_name_H-M   'C 1 2 1'
#
loop_
_entity.id
_entity.type
_entity.pdbx_description
1 polymer 'salicylic acid-binding protein 2'
2 non-polymer '2-HYDROXYBENZOIC ACID'
3 water water
#
_entity_poly.entity_id   1
_entity_poly.type   'polypeptide(L)'
_entity_poly.pdbx_seq_one_letter_code
;MKEGKHFVLVHGACHGGWSWYKLKPLLEAAGHKVTALDLAASGTDLRKIEELRTLYDYTLPL(MSE)EL(MSE)ESLSAD
EKVILVGHSLGG(MSE)NLGLA(MSE)EKYPQKIYAAVFLAAF(MSE)PDSVHNSSFVLEQYNERTPAENWLDTQFLPYG
SPEEPLTS(MSE)FFGPKFLAHKLYQLCSPEDLALASSLVRPSSLF(MSE)EDLSKAKYFTDERFGSVKRVYIVCTEDKG
IPEEFQRWQIDNIGVTEAIEIKGADH(MSE)A(MSE)LCEPQKLCASLLEIAHKYNLEHHHHHH
;
_entity_poly.pdbx_strand_id   A,B
#
# COMPACT_ATOMS: atom_id res chain seq x y z
N GLU A 3 -17.43 -6.22 24.64
CA GLU A 3 -18.70 -5.60 24.18
C GLU A 3 -18.62 -5.05 22.77
N GLY A 4 -17.46 -4.53 22.38
CA GLY A 4 -17.32 -3.99 21.05
C GLY A 4 -17.57 -5.05 19.99
N LYS A 5 -17.88 -4.62 18.77
CA LYS A 5 -18.13 -5.55 17.66
C LYS A 5 -16.89 -5.75 16.80
N HIS A 6 -16.87 -6.85 16.06
CA HIS A 6 -15.75 -7.17 15.19
C HIS A 6 -16.09 -6.90 13.71
N PHE A 7 -15.54 -5.82 13.18
CA PHE A 7 -15.81 -5.46 11.79
C PHE A 7 -14.84 -6.11 10.81
N VAL A 8 -15.37 -6.87 9.87
CA VAL A 8 -14.53 -7.50 8.88
C VAL A 8 -14.75 -6.72 7.58
N LEU A 9 -13.76 -5.89 7.25
CA LEU A 9 -13.78 -5.05 6.05
C LEU A 9 -13.20 -5.80 4.86
N VAL A 10 -13.99 -5.91 3.81
CA VAL A 10 -13.58 -6.61 2.59
C VAL A 10 -13.51 -5.63 1.43
N HIS A 11 -12.30 -5.40 0.93
CA HIS A 11 -12.04 -4.47 -0.18
C HIS A 11 -12.60 -4.95 -1.52
N GLY A 12 -12.64 -4.04 -2.50
CA GLY A 12 -13.14 -4.37 -3.83
C GLY A 12 -12.05 -4.83 -4.79
N ALA A 13 -12.32 -4.83 -6.10
CA ALA A 13 -11.33 -5.28 -7.07
C ALA A 13 -10.13 -4.34 -7.22
N CYS A 14 -8.95 -4.94 -7.30
CA CYS A 14 -7.68 -4.23 -7.47
C CYS A 14 -7.20 -3.50 -6.22
N HIS A 15 -7.98 -3.59 -5.15
CA HIS A 15 -7.62 -2.94 -3.90
C HIS A 15 -7.17 -3.94 -2.83
N GLY A 16 -7.00 -3.47 -1.61
CA GLY A 16 -6.57 -4.34 -0.54
C GLY A 16 -7.02 -3.82 0.81
N GLY A 17 -6.58 -4.48 1.87
CA GLY A 17 -6.95 -4.05 3.21
C GLY A 17 -6.49 -2.64 3.51
N TRP A 18 -5.47 -2.18 2.79
CA TRP A 18 -4.94 -0.83 2.98
C TRP A 18 -5.99 0.23 2.66
N SER A 19 -6.92 -0.08 1.76
CA SER A 19 -7.95 0.88 1.37
C SER A 19 -8.82 1.37 2.52
N TRP A 20 -8.81 0.64 3.64
CA TRP A 20 -9.63 1.02 4.80
C TRP A 20 -8.85 1.81 5.86
N TYR A 21 -7.62 2.19 5.55
CA TYR A 21 -6.78 2.89 6.52
C TYR A 21 -7.36 4.16 7.16
N LYS A 22 -8.33 4.79 6.53
CA LYS A 22 -8.91 5.99 7.12
C LYS A 22 -10.10 5.62 8.01
N LEU A 23 -10.80 4.54 7.68
CA LEU A 23 -11.96 4.11 8.47
C LEU A 23 -11.58 3.27 9.71
N LYS A 24 -10.61 2.38 9.55
CA LYS A 24 -10.16 1.50 10.63
C LYS A 24 -9.88 2.21 11.97
N PRO A 25 -9.09 3.31 11.94
CA PRO A 25 -8.80 4.02 13.20
C PRO A 25 -10.07 4.50 13.89
N LEU A 26 -10.98 5.07 13.09
CA LEU A 26 -12.25 5.59 13.59
C LEU A 26 -13.11 4.54 14.26
N LEU A 27 -13.21 3.37 13.63
CA LEU A 27 -13.99 2.29 14.20
C LEU A 27 -13.36 1.85 15.51
N GLU A 28 -12.03 1.74 15.50
CA GLU A 28 -11.34 1.30 16.71
C GLU A 28 -11.47 2.30 17.84
N ALA A 29 -11.45 3.58 17.51
CA ALA A 29 -11.59 4.63 18.52
C ALA A 29 -12.91 4.47 19.25
N ALA A 30 -13.88 3.87 18.57
CA ALA A 30 -15.20 3.64 19.16
C ALA A 30 -15.20 2.36 19.98
N GLY A 31 -14.01 1.78 20.17
CA GLY A 31 -13.89 0.57 20.96
C GLY A 31 -14.25 -0.70 20.22
N HIS A 32 -14.16 -0.67 18.90
CA HIS A 32 -14.48 -1.84 18.08
C HIS A 32 -13.25 -2.55 17.53
N LYS A 33 -13.41 -3.83 17.21
CA LYS A 33 -12.32 -4.60 16.65
C LYS A 33 -12.45 -4.47 15.13
N VAL A 34 -11.33 -4.42 14.44
CA VAL A 34 -11.37 -4.28 12.99
C VAL A 34 -10.31 -5.14 12.31
N THR A 35 -10.73 -5.87 11.29
CA THR A 35 -9.81 -6.69 10.52
C THR A 35 -10.00 -6.34 9.04
N ALA A 36 -9.03 -5.65 8.47
CA ALA A 36 -9.07 -5.27 7.06
C ALA A 36 -8.11 -6.21 6.34
N LEU A 37 -8.61 -7.39 5.96
CA LEU A 37 -7.75 -8.36 5.31
C LEU A 37 -7.56 -8.15 3.82
N ASP A 38 -6.53 -8.80 3.31
CA ASP A 38 -6.21 -8.78 1.89
C ASP A 38 -6.77 -10.08 1.36
N LEU A 39 -7.51 -10.02 0.25
CA LEU A 39 -8.03 -11.24 -0.32
C LEU A 39 -6.87 -11.84 -1.12
N ALA A 40 -7.06 -13.01 -1.70
CA ALA A 40 -6.00 -13.64 -2.47
C ALA A 40 -5.48 -12.69 -3.53
N ALA A 41 -4.17 -12.67 -3.74
CA ALA A 41 -3.54 -11.82 -4.75
C ALA A 41 -3.93 -10.34 -4.65
N SER A 42 -4.19 -9.90 -3.43
CA SER A 42 -4.58 -8.52 -3.17
C SER A 42 -3.68 -7.91 -2.10
N GLY A 43 -3.51 -6.59 -2.16
CA GLY A 43 -2.66 -5.91 -1.20
C GLY A 43 -1.25 -6.50 -1.23
N THR A 44 -0.81 -7.00 -0.09
CA THR A 44 0.51 -7.60 0.03
C THR A 44 0.49 -9.13 -0.03
N ASP A 45 -0.65 -9.71 -0.38
CA ASP A 45 -0.74 -11.16 -0.48
C ASP A 45 0.21 -11.60 -1.58
N LEU A 46 1.05 -12.60 -1.28
CA LEU A 46 2.03 -13.08 -2.23
C LEU A 46 1.46 -13.98 -3.33
N ARG A 47 0.15 -14.15 -3.38
CA ARG A 47 -0.43 -14.96 -4.45
C ARG A 47 -0.61 -14.13 -5.71
N LYS A 48 -0.60 -14.80 -6.86
CA LYS A 48 -0.77 -14.15 -8.14
C LYS A 48 -2.18 -14.36 -8.66
N ILE A 49 -2.68 -13.40 -9.43
CA ILE A 49 -4.03 -13.49 -9.98
C ILE A 49 -4.20 -14.74 -10.87
N GLU A 50 -3.16 -15.09 -11.62
CA GLU A 50 -3.22 -16.25 -12.50
C GLU A 50 -3.44 -17.55 -11.73
N GLU A 51 -3.36 -17.48 -10.41
CA GLU A 51 -3.57 -18.66 -9.56
C GLU A 51 -5.04 -18.74 -9.14
N LEU A 52 -5.81 -17.67 -9.40
CA LEU A 52 -7.22 -17.65 -9.02
C LEU A 52 -8.09 -18.11 -10.19
N ARG A 53 -8.73 -19.26 -10.04
CA ARG A 53 -9.57 -19.81 -11.09
C ARG A 53 -11.06 -19.56 -10.81
N THR A 54 -11.40 -19.38 -9.54
CA THR A 54 -12.78 -19.18 -9.14
C THR A 54 -12.89 -18.09 -8.09
N LEU A 55 -14.13 -17.73 -7.74
CA LEU A 55 -14.36 -16.72 -6.73
C LEU A 55 -13.90 -17.23 -5.37
N TYR A 56 -14.07 -18.53 -5.15
CA TYR A 56 -13.67 -19.13 -3.88
C TYR A 56 -12.18 -18.90 -3.58
N ASP A 57 -11.32 -19.22 -4.55
CA ASP A 57 -9.89 -19.05 -4.36
C ASP A 57 -9.55 -17.61 -3.96
N TYR A 58 -10.26 -16.66 -4.57
CA TYR A 58 -10.07 -15.25 -4.30
C TYR A 58 -10.51 -14.90 -2.89
N THR A 59 -11.65 -15.47 -2.48
CA THR A 59 -12.24 -15.23 -1.15
C THR A 59 -11.63 -16.09 -0.04
N LEU A 60 -10.79 -17.04 -0.42
CA LEU A 60 -10.17 -17.94 0.55
C LEU A 60 -9.76 -17.22 1.85
N PRO A 61 -9.01 -16.12 1.76
CA PRO A 61 -8.61 -15.43 3.00
C PRO A 61 -9.80 -15.12 3.91
N LEU A 62 -10.92 -14.71 3.32
CA LEU A 62 -12.09 -14.39 4.11
C LEU A 62 -12.70 -15.67 4.69
N GLU A 64 -11.11 -18.44 5.36
CA GLU A 64 -10.21 -18.91 6.40
C GLU A 64 -10.46 -18.17 7.70
N LEU A 65 -10.77 -16.88 7.59
CA LEU A 65 -11.03 -16.06 8.78
C LEU A 65 -12.31 -16.51 9.46
N GLU A 67 -13.85 -19.56 9.21
CA GLU A 67 -13.64 -20.89 9.76
C GLU A 67 -12.86 -20.86 11.07
N SER A 68 -12.00 -19.87 11.24
CA SER A 68 -11.20 -19.76 12.45
C SER A 68 -11.97 -19.12 13.59
N LEU A 69 -13.08 -18.45 13.29
CA LEU A 69 -13.88 -17.81 14.31
C LEU A 69 -14.32 -18.80 15.38
N SER A 70 -14.41 -18.32 16.61
CA SER A 70 -14.83 -19.16 17.74
C SER A 70 -16.27 -19.63 17.58
N ALA A 71 -16.68 -20.58 18.41
CA ALA A 71 -18.03 -21.12 18.36
C ALA A 71 -19.07 -20.04 18.63
N ASP A 72 -18.75 -19.13 19.55
CA ASP A 72 -19.66 -18.04 19.89
C ASP A 72 -19.08 -16.70 19.45
N GLU A 73 -18.30 -16.73 18.37
CA GLU A 73 -17.68 -15.52 17.85
C GLU A 73 -18.47 -15.03 16.64
N LYS A 74 -19.04 -13.84 16.75
CA LYS A 74 -19.83 -13.23 15.67
C LYS A 74 -19.11 -12.01 15.08
N VAL A 75 -19.47 -11.64 13.85
CA VAL A 75 -18.83 -10.49 13.20
C VAL A 75 -19.76 -9.73 12.26
N ILE A 76 -19.33 -8.56 11.84
CA ILE A 76 -20.09 -7.73 10.92
C ILE A 76 -19.26 -7.63 9.64
N LEU A 77 -19.79 -8.15 8.55
CA LEU A 77 -19.10 -8.10 7.27
C LEU A 77 -19.42 -6.79 6.54
N VAL A 78 -18.40 -6.22 5.91
CA VAL A 78 -18.57 -5.00 5.15
C VAL A 78 -17.85 -5.23 3.83
N GLY A 79 -18.61 -5.29 2.75
CA GLY A 79 -18.02 -5.53 1.45
C GLY A 79 -18.16 -4.37 0.51
N HIS A 80 -17.03 -3.88 0.03
CA HIS A 80 -17.01 -2.76 -0.90
C HIS A 80 -17.02 -3.27 -2.32
N SER A 81 -17.84 -2.66 -3.17
CA SER A 81 -17.96 -3.05 -4.57
C SER A 81 -17.94 -4.57 -4.81
N LEU A 82 -16.87 -5.08 -5.43
CA LEU A 82 -16.77 -6.52 -5.72
C LEU A 82 -16.77 -7.32 -4.41
N GLY A 83 -16.30 -6.69 -3.34
CA GLY A 83 -16.27 -7.35 -2.05
C GLY A 83 -17.65 -7.90 -1.69
N GLY A 84 -18.68 -7.38 -2.35
CA GLY A 84 -20.03 -7.84 -2.09
C GLY A 84 -20.19 -9.30 -2.47
N ASN A 86 -17.68 -11.51 -2.41
CA ASN A 86 -16.91 -12.33 -1.46
C ASN A 86 -17.77 -12.55 -0.22
N LEU A 87 -18.56 -11.53 0.13
CA LEU A 87 -19.44 -11.60 1.29
C LEU A 87 -20.47 -12.71 1.09
N GLY A 88 -20.97 -12.83 -0.13
CA GLY A 88 -21.96 -13.85 -0.46
C GLY A 88 -21.51 -15.23 -0.04
N LEU A 89 -20.28 -15.58 -0.38
CA LEU A 89 -19.71 -16.89 -0.05
C LEU A 89 -19.60 -17.15 1.46
N ALA A 90 -19.28 -16.11 2.21
CA ALA A 90 -19.15 -16.21 3.66
C ALA A 90 -20.52 -16.32 4.31
N GLU A 92 -23.09 -17.63 2.91
CA GLU A 92 -23.64 -18.92 2.51
C GLU A 92 -23.04 -20.06 3.34
N LYS A 93 -21.80 -19.91 3.77
CA LYS A 93 -21.14 -20.96 4.53
C LYS A 93 -21.16 -20.79 6.04
N TYR A 94 -21.09 -19.54 6.50
CA TYR A 94 -21.08 -19.26 7.94
C TYR A 94 -22.12 -18.20 8.29
N PRO A 95 -23.37 -18.42 7.89
CA PRO A 95 -24.44 -17.44 8.18
C PRO A 95 -24.69 -17.18 9.65
N GLN A 96 -24.51 -18.20 10.48
CA GLN A 96 -24.75 -18.06 11.92
C GLN A 96 -23.76 -17.10 12.60
N LYS A 97 -22.57 -16.97 12.01
CA LYS A 97 -21.54 -16.10 12.57
C LYS A 97 -21.55 -14.67 12.03
N ILE A 98 -22.71 -14.20 11.58
CA ILE A 98 -22.81 -12.85 11.01
C ILE A 98 -24.00 -12.05 11.53
N TYR A 99 -23.72 -10.90 12.16
CA TYR A 99 -24.76 -10.03 12.67
C TYR A 99 -25.50 -9.39 11.49
N ALA A 100 -24.74 -9.02 10.47
CA ALA A 100 -25.32 -8.38 9.29
C ALA A 100 -24.24 -8.15 8.25
N ALA A 101 -24.61 -8.29 6.98
CA ALA A 101 -23.68 -8.06 5.89
C ALA A 101 -23.96 -6.66 5.30
N VAL A 102 -22.95 -5.79 5.32
CA VAL A 102 -23.10 -4.44 4.79
C VAL A 102 -22.48 -4.29 3.40
N PHE A 103 -23.31 -3.93 2.43
CA PHE A 103 -22.87 -3.75 1.06
C PHE A 103 -22.65 -2.28 0.73
N LEU A 104 -21.38 -1.87 0.74
CA LEU A 104 -21.00 -0.49 0.44
C LEU A 104 -20.83 -0.30 -1.05
N ALA A 105 -21.80 0.35 -1.70
CA ALA A 105 -21.71 0.56 -3.15
C ALA A 105 -21.14 -0.72 -3.75
N ALA A 106 -21.69 -1.84 -3.33
CA ALA A 106 -21.19 -3.13 -3.77
C ALA A 106 -22.04 -3.81 -4.82
N PHE A 107 -21.55 -4.97 -5.25
CA PHE A 107 -22.28 -5.81 -6.17
C PHE A 107 -22.88 -6.78 -5.17
N PRO A 109 -25.23 -9.87 -4.56
CA PRO A 109 -25.84 -11.07 -5.16
C PRO A 109 -27.19 -11.39 -4.53
N ASP A 110 -27.92 -12.31 -5.14
CA ASP A 110 -29.21 -12.76 -4.62
C ASP A 110 -29.24 -14.29 -4.65
N SER A 111 -30.22 -14.87 -3.97
CA SER A 111 -30.34 -16.33 -3.95
C SER A 111 -31.54 -16.74 -4.81
N VAL A 112 -31.78 -15.98 -5.88
CA VAL A 112 -32.88 -16.26 -6.80
C VAL A 112 -32.35 -16.73 -8.15
N HIS A 113 -31.46 -15.94 -8.74
CA HIS A 113 -30.89 -16.28 -10.04
C HIS A 113 -29.48 -16.80 -9.89
N ASN A 114 -28.80 -16.96 -11.02
CA ASN A 114 -27.41 -17.42 -11.04
C ASN A 114 -26.58 -16.38 -10.29
N SER A 115 -25.49 -16.81 -9.69
CA SER A 115 -24.66 -15.91 -8.93
C SER A 115 -24.01 -14.79 -9.72
N SER A 116 -24.01 -14.90 -11.05
CA SER A 116 -23.42 -13.86 -11.88
C SER A 116 -24.48 -12.86 -12.34
N PHE A 117 -25.71 -13.06 -11.89
CA PHE A 117 -26.84 -12.19 -12.26
C PHE A 117 -26.55 -10.68 -12.20
N VAL A 118 -26.03 -10.21 -11.06
CA VAL A 118 -25.76 -8.79 -10.90
C VAL A 118 -24.62 -8.25 -11.74
N LEU A 119 -23.56 -9.04 -11.88
CA LEU A 119 -22.41 -8.66 -12.68
C LEU A 119 -22.77 -8.59 -14.15
N GLU A 120 -23.62 -9.51 -14.61
CA GLU A 120 -24.03 -9.51 -16.02
C GLU A 120 -24.87 -8.27 -16.35
N GLN A 121 -25.78 -7.90 -15.45
CA GLN A 121 -26.61 -6.72 -15.67
C GLN A 121 -25.72 -5.48 -15.77
N TYR A 122 -24.76 -5.38 -14.86
CA TYR A 122 -23.83 -4.24 -14.85
C TYR A 122 -23.04 -4.15 -16.16
N ASN A 123 -22.48 -5.27 -16.60
CA ASN A 123 -21.70 -5.25 -17.83
C ASN A 123 -22.54 -4.85 -19.04
N GLU A 124 -23.75 -5.39 -19.13
CA GLU A 124 -24.61 -5.04 -20.26
C GLU A 124 -24.87 -3.53 -20.30
N ARG A 125 -25.05 -2.95 -19.11
CA ARG A 125 -25.31 -1.52 -18.99
C ARG A 125 -24.06 -0.67 -19.13
N THR A 126 -22.89 -1.29 -18.94
CA THR A 126 -21.66 -0.53 -19.03
C THR A 126 -20.97 -0.61 -20.39
N PRO A 127 -21.03 0.49 -21.15
CA PRO A 127 -20.40 0.51 -22.48
C PRO A 127 -18.88 0.42 -22.32
N ALA A 128 -18.24 -0.21 -23.29
CA ALA A 128 -16.79 -0.41 -23.28
C ALA A 128 -15.95 0.84 -22.97
N GLU A 129 -16.36 1.99 -23.49
CA GLU A 129 -15.60 3.22 -23.28
C GLU A 129 -15.52 3.62 -21.80
N ASN A 130 -16.56 3.32 -21.04
CA ASN A 130 -16.60 3.67 -19.61
C ASN A 130 -15.47 3.02 -18.82
N TRP A 131 -14.91 1.91 -19.30
CA TRP A 131 -13.83 1.29 -18.56
C TRP A 131 -12.51 2.05 -18.75
N LEU A 132 -12.54 3.04 -19.62
CA LEU A 132 -11.36 3.86 -19.90
C LEU A 132 -10.10 3.02 -20.15
N ASP A 133 -9.03 3.28 -19.39
CA ASP A 133 -7.79 2.55 -19.57
C ASP A 133 -7.69 1.25 -18.77
N THR A 134 -8.82 0.74 -18.30
CA THR A 134 -8.80 -0.50 -17.56
C THR A 134 -8.26 -1.59 -18.48
N GLN A 135 -7.38 -2.45 -17.96
CA GLN A 135 -6.79 -3.50 -18.76
C GLN A 135 -7.38 -4.88 -18.50
N PHE A 136 -7.95 -5.46 -19.55
CA PHE A 136 -8.55 -6.79 -19.48
C PHE A 136 -7.65 -7.75 -20.27
N LEU A 137 -7.20 -8.82 -19.62
CA LEU A 137 -6.33 -9.79 -20.28
C LEU A 137 -6.67 -11.22 -19.87
N PRO A 138 -6.64 -12.16 -20.83
CA PRO A 138 -6.95 -13.56 -20.52
C PRO A 138 -5.75 -14.31 -19.93
N TYR A 139 -6.02 -15.29 -19.07
CA TYR A 139 -4.95 -16.08 -18.47
C TYR A 139 -5.35 -17.53 -18.25
N GLY A 140 -6.33 -17.99 -19.02
CA GLY A 140 -6.78 -19.36 -18.88
C GLY A 140 -6.60 -20.17 -20.16
N SER A 141 -7.33 -21.27 -20.23
CA SER A 141 -7.28 -22.15 -21.40
C SER A 141 -8.48 -21.88 -22.29
N PRO A 142 -8.42 -22.32 -23.56
CA PRO A 142 -9.54 -22.10 -24.47
C PRO A 142 -10.83 -22.77 -23.99
N GLU A 143 -10.70 -23.89 -23.30
CA GLU A 143 -11.86 -24.62 -22.78
C GLU A 143 -12.27 -24.11 -21.40
N GLU A 144 -11.35 -23.40 -20.75
CA GLU A 144 -11.60 -22.83 -19.44
C GLU A 144 -11.01 -21.42 -19.40
N PRO A 145 -11.60 -20.50 -20.18
CA PRO A 145 -11.14 -19.10 -20.27
C PRO A 145 -11.23 -18.33 -18.94
N LEU A 146 -10.31 -17.40 -18.76
CA LEU A 146 -10.27 -16.57 -17.57
C LEU A 146 -9.75 -15.19 -17.95
N THR A 147 -10.53 -14.16 -17.68
CA THR A 147 -10.13 -12.80 -18.00
C THR A 147 -9.70 -12.06 -16.75
N SER A 148 -8.67 -11.25 -16.88
CA SER A 148 -8.16 -10.48 -15.75
C SER A 148 -8.58 -9.03 -15.90
N PHE A 150 -7.53 -5.09 -14.60
CA PHE A 150 -6.62 -4.19 -13.91
C PHE A 150 -6.93 -2.72 -14.17
N PHE A 151 -7.47 -2.02 -13.17
CA PHE A 151 -7.83 -0.61 -13.33
C PHE A 151 -6.62 0.27 -13.67
N GLY A 152 -6.79 1.12 -14.66
CA GLY A 152 -5.72 2.02 -15.06
C GLY A 152 -5.86 3.34 -14.32
N PRO A 153 -4.89 4.27 -14.49
CA PRO A 153 -4.92 5.57 -13.81
C PRO A 153 -6.08 6.49 -14.16
N LYS A 154 -6.51 6.50 -15.43
CA LYS A 154 -7.62 7.36 -15.83
C LYS A 154 -8.92 6.83 -15.25
N PHE A 155 -9.11 5.52 -15.29
CA PHE A 155 -10.33 4.93 -14.76
C PHE A 155 -10.42 5.23 -13.27
N LEU A 156 -9.30 5.12 -12.56
CA LEU A 156 -9.29 5.40 -11.13
C LEU A 156 -9.63 6.86 -10.83
N ALA A 157 -8.92 7.78 -11.50
CA ALA A 157 -9.13 9.20 -11.30
C ALA A 157 -10.52 9.73 -11.62
N HIS A 158 -11.08 9.32 -12.75
CA HIS A 158 -12.40 9.83 -13.13
C HIS A 158 -13.58 8.91 -12.87
N LYS A 159 -13.33 7.64 -12.57
CA LYS A 159 -14.44 6.74 -12.31
C LYS A 159 -14.62 6.36 -10.85
N LEU A 160 -13.52 6.24 -10.12
CA LEU A 160 -13.57 5.83 -8.73
C LEU A 160 -13.17 6.84 -7.64
N TYR A 161 -12.25 7.74 -7.97
CA TYR A 161 -11.73 8.73 -7.01
C TYR A 161 -12.00 10.19 -7.38
N GLN A 162 -12.87 10.46 -8.36
CA GLN A 162 -13.09 11.84 -8.78
C GLN A 162 -13.34 12.83 -7.65
N LEU A 163 -13.77 12.36 -6.49
CA LEU A 163 -14.02 13.27 -5.37
C LEU A 163 -13.02 13.06 -4.23
N CYS A 164 -12.00 12.25 -4.48
CA CYS A 164 -10.96 11.98 -3.50
C CYS A 164 -9.77 12.91 -3.75
N SER A 165 -8.78 12.86 -2.85
CA SER A 165 -7.61 13.72 -2.94
C SER A 165 -6.51 13.18 -3.86
N PRO A 166 -5.62 14.07 -4.34
CA PRO A 166 -4.56 13.59 -5.21
C PRO A 166 -3.64 12.60 -4.48
N GLU A 167 -3.57 12.70 -3.16
CA GLU A 167 -2.77 11.80 -2.37
C GLU A 167 -3.38 10.39 -2.43
N ASP A 168 -4.70 10.32 -2.23
CA ASP A 168 -5.43 9.04 -2.29
C ASP A 168 -5.21 8.39 -3.67
N LEU A 169 -5.29 9.21 -4.71
CA LEU A 169 -5.11 8.72 -6.07
C LEU A 169 -3.71 8.16 -6.26
N ALA A 170 -2.70 8.88 -5.77
CA ALA A 170 -1.33 8.42 -5.91
C ALA A 170 -1.11 7.14 -5.09
N LEU A 171 -1.78 7.02 -3.96
CA LEU A 171 -1.63 5.81 -3.13
C LEU A 171 -2.19 4.63 -3.91
N ALA A 172 -3.38 4.79 -4.48
CA ALA A 172 -4.04 3.74 -5.25
C ALA A 172 -3.22 3.30 -6.46
N SER A 173 -2.70 4.28 -7.19
CA SER A 173 -1.90 3.97 -8.38
C SER A 173 -0.65 3.20 -8.00
N SER A 174 -0.23 3.34 -6.75
CA SER A 174 0.95 2.64 -6.29
C SER A 174 0.65 1.27 -5.68
N LEU A 175 -0.61 0.98 -5.39
CA LEU A 175 -0.94 -0.30 -4.78
C LEU A 175 -1.90 -1.20 -5.53
N VAL A 176 -2.63 -0.65 -6.49
CA VAL A 176 -3.58 -1.49 -7.21
C VAL A 176 -2.90 -2.64 -7.95
N ARG A 177 -3.60 -3.76 -7.97
CA ARG A 177 -3.11 -4.97 -8.63
C ARG A 177 -4.27 -5.55 -9.44
N PRO A 178 -3.94 -6.33 -10.48
CA PRO A 178 -4.94 -6.97 -11.34
C PRO A 178 -5.87 -7.87 -10.55
N SER A 179 -7.14 -7.88 -10.94
CA SER A 179 -8.13 -8.68 -10.25
C SER A 179 -8.95 -9.38 -11.32
N SER A 180 -10.17 -9.78 -10.98
CA SER A 180 -11.04 -10.45 -11.94
C SER A 180 -12.48 -10.43 -11.45
N LEU A 181 -13.42 -10.55 -12.37
CA LEU A 181 -14.83 -10.56 -12.01
C LEU A 181 -15.32 -12.00 -11.89
N PHE A 182 -14.47 -12.94 -12.29
CA PHE A 182 -14.79 -14.37 -12.22
C PHE A 182 -16.14 -14.71 -12.84
N GLU A 184 -17.10 -16.54 -15.64
CA GLU A 184 -17.27 -17.94 -15.96
C GLU A 184 -17.72 -18.74 -14.74
N ASP A 185 -16.90 -18.73 -13.70
CA ASP A 185 -17.20 -19.45 -12.47
C ASP A 185 -18.57 -19.06 -11.92
N LEU A 186 -18.81 -17.77 -11.74
CA LEU A 186 -20.09 -17.30 -11.20
C LEU A 186 -21.29 -17.62 -12.08
N SER A 187 -21.09 -17.63 -13.40
CA SER A 187 -22.18 -17.92 -14.31
C SER A 187 -22.25 -19.40 -14.66
N LYS A 188 -22.58 -20.23 -13.69
CA LYS A 188 -22.70 -21.67 -13.93
C LYS A 188 -23.39 -22.35 -12.75
N ALA A 189 -23.69 -21.59 -11.71
CA ALA A 189 -24.35 -22.16 -10.54
C ALA A 189 -25.00 -21.09 -9.67
N LYS A 190 -25.80 -21.56 -8.72
CA LYS A 190 -26.50 -20.69 -7.79
C LYS A 190 -25.92 -20.98 -6.40
N TYR A 191 -24.69 -20.53 -6.21
CA TYR A 191 -23.95 -20.71 -4.97
C TYR A 191 -24.64 -20.14 -3.75
N PHE A 192 -25.61 -19.26 -3.98
CA PHE A 192 -26.33 -18.64 -2.87
C PHE A 192 -27.76 -19.14 -2.75
N THR A 193 -28.13 -19.53 -1.54
CA THR A 193 -29.48 -20.03 -1.29
C THR A 193 -30.16 -19.16 -0.25
N ASP A 194 -31.47 -19.05 -0.35
CA ASP A 194 -32.26 -18.24 0.57
C ASP A 194 -32.21 -18.83 1.97
N GLU A 195 -31.89 -20.11 2.07
CA GLU A 195 -31.83 -20.80 3.35
C GLU A 195 -30.65 -20.28 4.18
N ARG A 196 -29.47 -20.24 3.58
CA ARG A 196 -28.29 -19.77 4.28
C ARG A 196 -27.99 -18.30 3.99
N PHE A 197 -27.60 -18.01 2.76
CA PHE A 197 -27.29 -16.65 2.33
C PHE A 197 -28.43 -15.68 2.69
N GLY A 198 -29.65 -16.06 2.29
CA GLY A 198 -30.82 -15.23 2.54
C GLY A 198 -31.21 -15.01 3.98
N SER A 199 -30.66 -15.81 4.89
CA SER A 199 -30.99 -15.66 6.31
C SER A 199 -30.21 -14.53 6.95
N VAL A 200 -29.16 -14.06 6.28
CA VAL A 200 -28.34 -12.99 6.83
C VAL A 200 -28.95 -11.62 6.49
N LYS A 201 -29.05 -10.74 7.49
CA LYS A 201 -29.59 -9.41 7.28
C LYS A 201 -28.71 -8.61 6.33
N ARG A 202 -29.32 -7.97 5.34
CA ARG A 202 -28.58 -7.16 4.36
C ARG A 202 -28.79 -5.67 4.51
N VAL A 203 -27.68 -4.93 4.50
CA VAL A 203 -27.72 -3.47 4.60
C VAL A 203 -26.93 -2.92 3.41
N TYR A 204 -27.55 -2.08 2.60
CA TYR A 204 -26.85 -1.52 1.46
C TYR A 204 -26.58 -0.04 1.68
N ILE A 205 -25.33 0.36 1.54
CA ILE A 205 -24.97 1.76 1.69
C ILE A 205 -24.71 2.31 0.29
N VAL A 206 -25.58 3.22 -0.14
CA VAL A 206 -25.49 3.85 -1.46
C VAL A 206 -24.54 5.03 -1.44
N CYS A 207 -23.63 5.09 -2.42
CA CYS A 207 -22.73 6.21 -2.47
C CYS A 207 -23.23 7.00 -3.68
N THR A 208 -23.93 8.09 -3.41
CA THR A 208 -24.56 8.92 -4.43
C THR A 208 -23.73 9.47 -5.57
N GLU A 209 -22.47 9.81 -5.31
CA GLU A 209 -21.62 10.35 -6.38
C GLU A 209 -20.77 9.27 -7.06
N ASP A 210 -21.08 8.01 -6.81
CA ASP A 210 -20.30 6.93 -7.41
C ASP A 210 -20.40 6.95 -8.93
N LYS A 211 -19.26 6.97 -9.62
CA LYS A 211 -19.27 6.96 -11.08
C LYS A 211 -18.83 5.59 -11.60
N GLY A 212 -18.23 4.78 -10.74
CA GLY A 212 -17.80 3.45 -11.16
C GLY A 212 -19.02 2.55 -11.25
N ILE A 213 -19.77 2.52 -10.15
CA ILE A 213 -21.00 1.76 -10.06
C ILE A 213 -22.01 2.87 -9.76
N PRO A 214 -22.65 3.41 -10.81
CA PRO A 214 -23.64 4.49 -10.65
C PRO A 214 -24.76 4.24 -9.65
N GLU A 215 -25.17 5.30 -8.96
CA GLU A 215 -26.24 5.20 -7.97
C GLU A 215 -27.48 4.55 -8.58
N GLU A 216 -27.70 4.81 -9.87
CA GLU A 216 -28.84 4.24 -10.59
C GLU A 216 -28.79 2.72 -10.46
N PHE A 217 -27.61 2.15 -10.68
CA PHE A 217 -27.43 0.70 -10.59
C PHE A 217 -27.49 0.21 -9.14
N GLN A 218 -26.94 0.99 -8.21
CA GLN A 218 -26.98 0.59 -6.82
C GLN A 218 -28.46 0.50 -6.42
N ARG A 219 -29.25 1.49 -6.82
CA ARG A 219 -30.67 1.47 -6.50
C ARG A 219 -31.38 0.29 -7.18
N TRP A 220 -30.99 -0.01 -8.40
CA TRP A 220 -31.62 -1.14 -9.10
C TRP A 220 -31.39 -2.44 -8.31
N GLN A 221 -30.21 -2.59 -7.71
CA GLN A 221 -29.93 -3.80 -6.94
C GLN A 221 -30.84 -3.87 -5.71
N ILE A 222 -31.03 -2.73 -5.07
CA ILE A 222 -31.90 -2.68 -3.91
C ILE A 222 -33.32 -3.05 -4.35
N ASP A 223 -33.81 -2.40 -5.41
CA ASP A 223 -35.16 -2.65 -5.91
C ASP A 223 -35.40 -4.06 -6.44
N ASN A 224 -34.38 -4.71 -6.98
CA ASN A 224 -34.56 -6.03 -7.53
C ASN A 224 -34.19 -7.22 -6.66
N ILE A 225 -33.43 -7.01 -5.60
CA ILE A 225 -33.08 -8.14 -4.75
C ILE A 225 -33.61 -8.00 -3.32
N GLY A 226 -33.81 -6.76 -2.88
CA GLY A 226 -34.32 -6.55 -1.54
C GLY A 226 -33.23 -6.40 -0.49
N VAL A 227 -33.49 -5.58 0.51
CA VAL A 227 -32.52 -5.36 1.57
C VAL A 227 -33.24 -5.14 2.91
N THR A 228 -32.55 -5.40 4.01
CA THR A 228 -33.17 -5.20 5.31
C THR A 228 -33.27 -3.69 5.53
N GLU A 229 -32.23 -2.97 5.14
CA GLU A 229 -32.17 -1.52 5.29
C GLU A 229 -31.30 -0.90 4.19
N ALA A 230 -31.79 0.18 3.60
CA ALA A 230 -31.06 0.89 2.56
C ALA A 230 -30.61 2.22 3.17
N ILE A 231 -29.31 2.48 3.10
CA ILE A 231 -28.73 3.70 3.64
C ILE A 231 -27.90 4.36 2.55
N GLU A 232 -27.69 5.67 2.67
CA GLU A 232 -26.86 6.35 1.69
C GLU A 232 -25.91 7.35 2.34
N ILE A 233 -24.85 7.67 1.62
CA ILE A 233 -23.86 8.65 2.06
C ILE A 233 -23.85 9.62 0.89
N LYS A 234 -24.52 10.76 1.08
CA LYS A 234 -24.63 11.77 0.04
C LYS A 234 -23.30 12.49 -0.17
N GLY A 235 -22.90 12.61 -1.42
CA GLY A 235 -21.65 13.28 -1.75
C GLY A 235 -20.45 12.36 -1.89
N ALA A 236 -20.60 11.10 -1.52
CA ALA A 236 -19.48 10.18 -1.60
C ALA A 236 -19.32 9.52 -2.97
N ASP A 237 -18.09 9.53 -3.48
CA ASP A 237 -17.82 8.87 -4.75
C ASP A 237 -17.69 7.39 -4.46
N HIS A 238 -17.19 6.63 -5.42
CA HIS A 238 -17.06 5.17 -5.22
C HIS A 238 -16.28 4.80 -3.97
N ALA A 240 -16.02 5.66 -0.69
CA ALA A 240 -16.55 6.30 0.51
C ALA A 240 -15.61 6.25 1.70
N LEU A 242 -12.66 6.70 1.75
CA LEU A 242 -11.55 7.64 1.54
C LEU A 242 -12.03 9.09 1.47
N CYS A 243 -13.19 9.35 0.88
CA CYS A 243 -13.66 10.73 0.81
C CYS A 243 -14.65 11.07 1.94
N GLU A 244 -15.27 10.06 2.54
CA GLU A 244 -16.22 10.29 3.62
C GLU A 244 -16.09 9.24 4.74
N PRO A 245 -14.88 9.07 5.29
CA PRO A 245 -14.68 8.09 6.35
C PRO A 245 -15.51 8.30 7.62
N GLN A 246 -15.56 9.54 8.11
CA GLN A 246 -16.32 9.83 9.33
C GLN A 246 -17.80 9.43 9.17
N LYS A 247 -18.40 9.84 8.06
CA LYS A 247 -19.79 9.51 7.80
C LYS A 247 -19.99 7.99 7.64
N LEU A 248 -19.03 7.32 7.02
CA LEU A 248 -19.13 5.88 6.83
C LEU A 248 -19.12 5.25 8.21
N CYS A 249 -18.18 5.72 9.03
CA CYS A 249 -18.02 5.22 10.38
C CYS A 249 -19.31 5.35 11.17
N ALA A 250 -19.90 6.55 11.14
CA ALA A 250 -21.16 6.80 11.87
C ALA A 250 -22.23 5.83 11.41
N SER A 251 -22.30 5.61 10.11
CA SER A 251 -23.28 4.70 9.57
C SER A 251 -23.02 3.28 10.07
N LEU A 252 -21.78 2.83 10.04
CA LEU A 252 -21.46 1.48 10.51
C LEU A 252 -21.75 1.32 12.00
N LEU A 253 -21.60 2.40 12.77
CA LEU A 253 -21.84 2.35 14.20
C LEU A 253 -23.33 2.10 14.48
N GLU A 254 -24.20 2.71 13.69
CA GLU A 254 -25.64 2.52 13.88
C GLU A 254 -26.04 1.09 13.52
N ILE A 255 -25.41 0.55 12.48
CA ILE A 255 -25.68 -0.82 12.03
C ILE A 255 -25.31 -1.80 13.13
N ALA A 256 -24.20 -1.53 13.80
CA ALA A 256 -23.73 -2.39 14.89
C ALA A 256 -24.67 -2.29 16.08
N HIS A 257 -25.28 -1.12 16.24
CA HIS A 257 -26.22 -0.86 17.32
C HIS A 257 -27.57 -1.50 17.04
N LYS A 258 -28.15 -1.14 15.89
CA LYS A 258 -29.46 -1.66 15.49
C LYS A 258 -29.56 -3.18 15.51
N TYR A 259 -28.74 -3.84 14.71
CA TYR A 259 -28.78 -5.30 14.65
C TYR A 259 -27.98 -5.92 15.79
N ASN A 260 -28.70 -6.36 16.81
CA ASN A 260 -28.10 -6.98 17.98
C ASN A 260 -26.97 -6.11 18.54
N GLU B 3 13.80 22.48 -17.42
CA GLU B 3 13.96 22.90 -16.00
C GLU B 3 13.39 21.83 -15.06
N GLY B 4 12.45 21.05 -15.57
CA GLY B 4 11.85 19.99 -14.77
C GLY B 4 12.87 18.92 -14.44
N LYS B 5 12.60 18.13 -13.41
CA LYS B 5 13.51 17.08 -13.01
C LYS B 5 12.77 15.77 -12.76
N HIS B 6 13.50 14.67 -12.81
CA HIS B 6 12.92 13.35 -12.57
C HIS B 6 13.39 12.87 -11.20
N PHE B 7 12.47 12.81 -10.24
CA PHE B 7 12.79 12.33 -8.90
C PHE B 7 12.53 10.82 -8.75
N VAL B 8 13.56 10.06 -8.37
CA VAL B 8 13.41 8.62 -8.13
C VAL B 8 13.43 8.49 -6.60
N LEU B 9 12.28 8.15 -6.02
CA LEU B 9 12.12 8.01 -4.57
C LEU B 9 12.32 6.57 -4.16
N VAL B 10 13.22 6.35 -3.21
CA VAL B 10 13.54 5.00 -2.73
C VAL B 10 13.20 4.83 -1.26
N HIS B 11 12.16 4.04 -1.00
CA HIS B 11 11.68 3.80 0.35
C HIS B 11 12.68 3.09 1.24
N GLY B 12 12.39 3.10 2.53
CA GLY B 12 13.26 2.45 3.51
C GLY B 12 12.82 1.02 3.75
N ALA B 13 13.32 0.41 4.82
CA ALA B 13 13.01 -0.98 5.14
C ALA B 13 11.58 -1.24 5.57
N CYS B 14 11.05 -2.35 5.05
CA CYS B 14 9.69 -2.76 5.36
C CYS B 14 8.62 -1.90 4.70
N HIS B 15 9.03 -0.88 3.96
CA HIS B 15 8.06 -0.04 3.30
C HIS B 15 8.12 -0.22 1.78
N GLY B 16 7.39 0.61 1.03
CA GLY B 16 7.38 0.49 -0.42
C GLY B 16 7.14 1.84 -1.09
N GLY B 17 6.97 1.82 -2.41
CA GLY B 17 6.74 3.06 -3.14
C GLY B 17 5.55 3.84 -2.60
N TRP B 18 4.57 3.11 -2.06
CA TRP B 18 3.35 3.71 -1.49
C TRP B 18 3.67 4.72 -0.40
N SER B 19 4.83 4.60 0.21
CA SER B 19 5.25 5.49 1.29
C SER B 19 5.32 6.94 0.90
N TRP B 20 5.52 7.20 -0.39
CA TRP B 20 5.65 8.56 -0.90
C TRP B 20 4.37 9.16 -1.46
N TYR B 21 3.24 8.50 -1.22
CA TYR B 21 1.98 8.97 -1.79
C TYR B 21 1.59 10.41 -1.46
N LYS B 22 2.13 10.96 -0.38
CA LYS B 22 1.80 12.34 -0.04
C LYS B 22 2.76 13.30 -0.74
N LEU B 23 4.00 12.86 -0.95
CA LEU B 23 4.98 13.72 -1.62
C LEU B 23 4.87 13.74 -3.14
N LYS B 24 4.61 12.57 -3.73
CA LYS B 24 4.50 12.43 -5.18
C LYS B 24 3.62 13.48 -5.85
N PRO B 25 2.39 13.68 -5.35
CA PRO B 25 1.48 14.68 -5.94
C PRO B 25 2.07 16.10 -5.90
N LEU B 26 2.73 16.42 -4.79
CA LEU B 26 3.34 17.74 -4.61
C LEU B 26 4.44 18.01 -5.62
N LEU B 27 5.35 17.07 -5.80
CA LEU B 27 6.44 17.26 -6.75
C LEU B 27 5.92 17.35 -8.18
N GLU B 28 4.87 16.57 -8.48
CA GLU B 28 4.30 16.57 -9.80
C GLU B 28 3.59 17.88 -10.10
N ALA B 29 2.95 18.46 -9.09
CA ALA B 29 2.26 19.74 -9.27
C ALA B 29 3.29 20.84 -9.54
N ALA B 30 4.53 20.59 -9.12
CA ALA B 30 5.61 21.56 -9.33
C ALA B 30 6.22 21.41 -10.71
N GLY B 31 5.65 20.51 -11.50
CA GLY B 31 6.13 20.27 -12.86
C GLY B 31 7.28 19.28 -12.97
N HIS B 32 7.38 18.36 -12.02
CA HIS B 32 8.46 17.39 -12.06
C HIS B 32 7.96 15.97 -12.28
N LYS B 33 8.86 15.08 -12.69
CA LYS B 33 8.50 13.69 -12.89
C LYS B 33 8.90 12.93 -11.63
N VAL B 34 8.11 11.94 -11.25
CA VAL B 34 8.39 11.16 -10.04
C VAL B 34 8.15 9.67 -10.21
N THR B 35 9.13 8.87 -9.81
CA THR B 35 9.00 7.43 -9.86
C THR B 35 9.16 7.01 -8.41
N ALA B 36 8.12 6.40 -7.83
CA ALA B 36 8.17 5.93 -6.45
C ALA B 36 8.29 4.41 -6.56
N LEU B 37 9.52 3.95 -6.78
CA LEU B 37 9.84 2.54 -6.96
C LEU B 37 9.50 1.57 -5.84
N ASP B 38 9.28 0.31 -6.20
CA ASP B 38 9.05 -0.72 -5.20
C ASP B 38 10.34 -1.52 -5.30
N LEU B 39 11.06 -1.69 -4.19
CA LEU B 39 12.28 -2.48 -4.26
C LEU B 39 11.90 -3.97 -4.22
N ALA B 40 12.87 -4.85 -4.31
CA ALA B 40 12.58 -6.29 -4.28
C ALA B 40 11.88 -6.65 -2.98
N ALA B 41 10.84 -7.48 -3.07
CA ALA B 41 10.09 -7.93 -1.90
C ALA B 41 9.52 -6.79 -1.05
N SER B 42 9.21 -5.68 -1.71
CA SER B 42 8.65 -4.50 -1.03
C SER B 42 7.37 -4.07 -1.74
N GLY B 43 6.48 -3.39 -1.01
CA GLY B 43 5.24 -2.95 -1.61
C GLY B 43 4.41 -4.10 -2.15
N THR B 44 4.16 -4.10 -3.46
CA THR B 44 3.38 -5.19 -4.05
C THR B 44 4.26 -6.10 -4.91
N ASP B 45 5.58 -5.95 -4.79
CA ASP B 45 6.49 -6.81 -5.56
C ASP B 45 6.26 -8.23 -5.03
N LEU B 46 6.03 -9.17 -5.94
CA LEU B 46 5.74 -10.55 -5.56
C LEU B 46 6.91 -11.41 -5.10
N ARG B 47 8.12 -10.85 -5.09
CA ARG B 47 9.28 -11.60 -4.63
C ARG B 47 9.22 -11.74 -3.11
N LYS B 48 9.92 -12.75 -2.58
CA LYS B 48 9.94 -12.98 -1.15
C LYS B 48 11.28 -12.55 -0.56
N ILE B 49 11.27 -12.20 0.72
CA ILE B 49 12.48 -11.77 1.40
C ILE B 49 13.51 -12.91 1.46
N GLU B 50 13.03 -14.13 1.71
CA GLU B 50 13.94 -15.27 1.79
C GLU B 50 14.60 -15.50 0.44
N GLU B 51 14.16 -14.75 -0.56
CA GLU B 51 14.70 -14.88 -1.91
C GLU B 51 15.85 -13.90 -2.13
N LEU B 52 16.02 -12.97 -1.21
CA LEU B 52 17.09 -11.97 -1.33
C LEU B 52 18.25 -12.31 -0.41
N ARG B 53 19.46 -12.30 -0.95
CA ARG B 53 20.62 -12.63 -0.15
C ARG B 53 21.59 -11.47 -0.03
N THR B 54 21.53 -10.54 -0.98
CA THR B 54 22.44 -9.39 -0.97
C THR B 54 21.72 -8.06 -1.14
N LEU B 55 22.47 -6.97 -0.95
CA LEU B 55 21.90 -5.64 -1.11
C LEU B 55 21.50 -5.49 -2.58
N TYR B 56 22.33 -6.01 -3.47
CA TYR B 56 22.04 -5.93 -4.90
C TYR B 56 20.71 -6.55 -5.27
N ASP B 57 20.42 -7.74 -4.76
CA ASP B 57 19.16 -8.42 -5.06
C ASP B 57 17.99 -7.52 -4.66
N TYR B 58 18.14 -6.84 -3.54
CA TYR B 58 17.10 -5.96 -3.00
C TYR B 58 16.97 -4.67 -3.82
N THR B 59 18.11 -4.17 -4.31
CA THR B 59 18.19 -2.94 -5.10
C THR B 59 17.93 -3.13 -6.60
N LEU B 60 17.84 -4.38 -7.04
CA LEU B 60 17.62 -4.69 -8.45
C LEU B 60 16.61 -3.79 -9.17
N PRO B 61 15.43 -3.55 -8.55
CA PRO B 61 14.48 -2.68 -9.27
C PRO B 61 15.07 -1.29 -9.53
N LEU B 62 15.86 -0.80 -8.59
CA LEU B 62 16.48 0.52 -8.78
C LEU B 62 17.52 0.42 -9.89
N GLU B 64 17.73 -1.68 -12.37
CA GLU B 64 17.06 -1.86 -13.65
C GLU B 64 16.58 -0.53 -14.21
N LEU B 65 16.05 0.32 -13.33
CA LEU B 65 15.56 1.62 -13.75
C LEU B 65 16.72 2.46 -14.24
N GLU B 67 19.69 1.46 -15.39
CA GLU B 67 20.20 0.89 -16.63
C GLU B 67 19.30 1.27 -17.80
N SER B 68 18.00 1.32 -17.54
CA SER B 68 17.01 1.64 -18.55
C SER B 68 16.98 3.11 -18.95
N LEU B 69 17.59 3.97 -18.15
CA LEU B 69 17.61 5.39 -18.46
C LEU B 69 18.24 5.67 -19.81
N SER B 70 17.70 6.68 -20.50
CA SER B 70 18.20 7.10 -21.80
C SER B 70 19.54 7.79 -21.64
N ALA B 71 20.27 7.91 -22.75
CA ALA B 71 21.57 8.55 -22.72
C ALA B 71 21.50 10.01 -22.27
N ASP B 72 20.43 10.70 -22.65
CA ASP B 72 20.24 12.11 -22.28
C ASP B 72 19.24 12.26 -21.14
N GLU B 73 19.14 11.23 -20.31
CA GLU B 73 18.19 11.26 -19.20
C GLU B 73 18.90 11.08 -17.85
N LYS B 74 18.78 12.09 -16.99
CA LYS B 74 19.39 12.02 -15.67
C LYS B 74 18.33 12.12 -14.59
N VAL B 75 18.70 11.80 -13.35
CA VAL B 75 17.73 11.85 -12.26
C VAL B 75 18.30 12.32 -10.94
N ILE B 76 17.39 12.57 -10.00
CA ILE B 76 17.77 12.97 -8.66
C ILE B 76 17.24 11.82 -7.81
N LEU B 77 18.15 11.19 -7.06
CA LEU B 77 17.78 10.08 -6.21
C LEU B 77 17.51 10.59 -4.80
N VAL B 78 16.47 10.04 -4.19
CA VAL B 78 16.10 10.40 -2.82
C VAL B 78 15.90 9.09 -2.09
N GLY B 79 16.75 8.83 -1.11
CA GLY B 79 16.67 7.59 -0.38
C GLY B 79 16.32 7.80 1.07
N HIS B 80 15.25 7.14 1.51
CA HIS B 80 14.80 7.23 2.89
C HIS B 80 15.39 6.07 3.70
N SER B 81 15.99 6.40 4.85
CA SER B 81 16.59 5.42 5.74
C SER B 81 17.42 4.35 5.04
N LEU B 82 16.97 3.09 5.06
CA LEU B 82 17.74 2.03 4.41
C LEU B 82 17.95 2.35 2.92
N GLY B 83 17.04 3.13 2.37
CA GLY B 83 17.12 3.51 0.96
C GLY B 83 18.43 4.15 0.59
N GLY B 84 19.13 4.70 1.57
CA GLY B 84 20.42 5.32 1.30
C GLY B 84 21.43 4.25 0.87
N ASN B 86 20.65 1.55 -0.84
CA ASN B 86 20.28 1.22 -2.20
C ASN B 86 20.83 2.29 -3.13
N LEU B 87 20.76 3.54 -2.69
CA LEU B 87 21.28 4.66 -3.48
C LEU B 87 22.77 4.49 -3.77
N GLY B 88 23.53 4.09 -2.75
CA GLY B 88 24.96 3.90 -2.93
C GLY B 88 25.26 3.02 -4.14
N LEU B 89 24.57 1.89 -4.21
CA LEU B 89 24.77 0.96 -5.31
C LEU B 89 24.51 1.62 -6.67
N ALA B 90 23.45 2.41 -6.77
CA ALA B 90 23.13 3.09 -8.02
C ALA B 90 24.17 4.16 -8.36
N GLU B 92 27.38 4.15 -7.49
CA GLU B 92 28.64 3.53 -7.86
C GLU B 92 28.60 3.11 -9.33
N LYS B 93 27.49 2.52 -9.75
CA LYS B 93 27.37 2.06 -11.13
C LYS B 93 26.95 3.10 -12.17
N TYR B 94 26.11 4.05 -11.78
CA TYR B 94 25.63 5.07 -12.72
C TYR B 94 25.83 6.49 -12.22
N PRO B 95 27.06 6.83 -11.82
CA PRO B 95 27.35 8.18 -11.32
C PRO B 95 27.05 9.31 -12.31
N GLN B 96 27.28 9.07 -13.59
CA GLN B 96 27.04 10.10 -14.61
C GLN B 96 25.57 10.31 -14.97
N LYS B 97 24.66 9.58 -14.33
CA LYS B 97 23.25 9.75 -14.64
C LYS B 97 22.48 10.32 -13.45
N ILE B 98 23.22 10.66 -12.40
CA ILE B 98 22.64 11.20 -11.17
C ILE B 98 23.05 12.64 -10.90
N TYR B 99 22.10 13.56 -10.97
CA TYR B 99 22.39 14.97 -10.71
C TYR B 99 22.87 15.09 -9.26
N ALA B 100 22.19 14.39 -8.36
CA ALA B 100 22.57 14.40 -6.94
C ALA B 100 21.83 13.29 -6.21
N ALA B 101 22.38 12.93 -5.05
CA ALA B 101 21.79 11.90 -4.23
C ALA B 101 21.34 12.55 -2.93
N VAL B 102 20.06 12.38 -2.59
CA VAL B 102 19.51 12.97 -1.37
C VAL B 102 19.21 11.88 -0.34
N PHE B 103 19.85 12.00 0.83
CA PHE B 103 19.65 11.04 1.90
C PHE B 103 18.72 11.58 2.97
N LEU B 104 17.50 11.05 3.01
CA LEU B 104 16.50 11.49 4.00
C LEU B 104 16.58 10.60 5.22
N ALA B 105 17.04 11.14 6.35
CA ALA B 105 17.15 10.37 7.57
C ALA B 105 17.57 8.96 7.18
N ALA B 106 18.64 8.87 6.39
CA ALA B 106 19.06 7.57 5.92
C ALA B 106 20.41 7.11 6.38
N PHE B 107 20.72 5.89 5.99
CA PHE B 107 22.02 5.35 6.29
C PHE B 107 22.78 5.70 5.05
N PRO B 109 26.22 5.50 3.25
CA PRO B 109 27.49 4.78 3.17
C PRO B 109 28.63 5.73 2.84
N ASP B 110 29.85 5.18 2.82
CA ASP B 110 31.02 5.95 2.45
C ASP B 110 31.95 5.10 1.60
N SER B 111 32.89 5.75 0.93
CA SER B 111 33.85 5.07 0.07
C SER B 111 35.21 4.99 0.74
N VAL B 112 35.22 4.59 2.01
CA VAL B 112 36.44 4.47 2.78
C VAL B 112 36.50 3.14 3.50
N HIS B 113 35.47 2.87 4.31
CA HIS B 113 35.38 1.62 5.07
C HIS B 113 34.52 0.62 4.32
N ASN B 114 34.29 -0.54 4.95
CA ASN B 114 33.43 -1.56 4.36
C ASN B 114 32.05 -0.95 4.20
N SER B 115 31.32 -1.42 3.21
CA SER B 115 29.99 -0.89 2.94
C SER B 115 29.01 -1.07 4.10
N SER B 116 29.36 -1.92 5.06
CA SER B 116 28.49 -2.13 6.21
C SER B 116 28.80 -1.13 7.32
N PHE B 117 29.90 -0.39 7.16
CA PHE B 117 30.35 0.58 8.15
C PHE B 117 29.23 1.38 8.81
N VAL B 118 28.50 2.16 8.03
CA VAL B 118 27.41 2.99 8.56
C VAL B 118 26.40 2.22 9.39
N LEU B 119 26.03 1.02 8.94
CA LEU B 119 25.08 0.18 9.65
C LEU B 119 25.70 -0.36 10.93
N GLU B 120 27.02 -0.59 10.87
CA GLU B 120 27.75 -1.12 12.01
C GLU B 120 27.76 -0.07 13.13
N GLN B 121 28.12 1.15 12.77
CA GLN B 121 28.18 2.25 13.73
C GLN B 121 26.82 2.46 14.39
N TYR B 122 25.76 2.35 13.60
CA TYR B 122 24.40 2.52 14.10
C TYR B 122 24.12 1.53 15.22
N ASN B 123 24.42 0.26 14.97
CA ASN B 123 24.21 -0.82 15.93
C ASN B 123 25.00 -0.57 17.22
N GLU B 124 26.25 -0.19 17.06
CA GLU B 124 27.12 0.06 18.20
C GLU B 124 26.74 1.33 18.96
N ARG B 125 25.93 2.19 18.33
CA ARG B 125 25.50 3.42 18.98
C ARG B 125 24.02 3.38 19.33
N THR B 126 23.39 2.23 19.09
CA THR B 126 21.97 2.07 19.39
C THR B 126 21.73 0.87 20.30
N PRO B 127 21.06 1.09 21.45
CA PRO B 127 20.75 0.03 22.41
C PRO B 127 19.70 -0.94 21.88
N ALA B 128 19.84 -2.21 22.24
CA ALA B 128 18.93 -3.26 21.79
C ALA B 128 17.48 -3.04 22.25
N GLU B 129 17.30 -2.17 23.24
CA GLU B 129 15.98 -1.88 23.77
C GLU B 129 15.14 -1.03 22.81
N ASN B 130 15.80 -0.29 21.93
CA ASN B 130 15.11 0.58 20.98
C ASN B 130 14.30 -0.17 19.92
N TRP B 131 14.69 -1.41 19.63
CA TRP B 131 13.98 -2.20 18.63
C TRP B 131 12.58 -2.62 19.08
N LEU B 132 12.38 -2.66 20.39
CA LEU B 132 11.09 -3.03 20.96
C LEU B 132 10.57 -4.37 20.45
N ASP B 133 9.48 -4.35 19.68
CA ASP B 133 8.89 -5.57 19.16
C ASP B 133 9.28 -5.95 17.73
N THR B 134 10.40 -5.41 17.25
CA THR B 134 10.87 -5.72 15.90
C THR B 134 11.31 -7.17 15.82
N GLN B 135 10.84 -7.88 14.80
CA GLN B 135 11.19 -9.29 14.62
C GLN B 135 12.43 -9.50 13.76
N PHE B 136 13.35 -10.30 14.28
CA PHE B 136 14.60 -10.62 13.60
C PHE B 136 14.68 -12.13 13.47
N LEU B 137 14.28 -12.66 12.33
CA LEU B 137 14.30 -14.09 12.11
C LEU B 137 15.36 -14.52 11.09
N PRO B 138 15.98 -15.69 11.31
CA PRO B 138 17.01 -16.22 10.42
C PRO B 138 16.37 -17.00 9.28
N TYR B 139 16.98 -16.93 8.09
CA TYR B 139 16.46 -17.65 6.94
C TYR B 139 17.61 -18.07 6.03
N GLY B 140 18.82 -17.98 6.55
CA GLY B 140 19.99 -18.35 5.78
C GLY B 140 20.49 -19.73 6.18
N SER B 141 21.81 -19.89 6.25
CA SER B 141 22.43 -21.16 6.61
C SER B 141 23.58 -20.93 7.57
N PRO B 142 24.09 -21.99 8.21
CA PRO B 142 25.21 -21.84 9.15
C PRO B 142 26.47 -21.30 8.49
N GLU B 143 26.69 -21.67 7.23
CA GLU B 143 27.86 -21.22 6.49
C GLU B 143 27.57 -19.84 5.89
N GLU B 144 26.35 -19.67 5.39
CA GLU B 144 25.90 -18.40 4.81
C GLU B 144 24.63 -17.95 5.53
N PRO B 145 24.78 -17.35 6.73
CA PRO B 145 23.65 -16.87 7.53
C PRO B 145 22.97 -15.65 6.94
N LEU B 146 21.65 -15.57 7.13
CA LEU B 146 20.85 -14.46 6.63
C LEU B 146 19.81 -14.12 7.68
N THR B 147 19.58 -12.84 7.89
CA THR B 147 18.60 -12.41 8.88
C THR B 147 17.59 -11.45 8.27
N SER B 148 16.32 -11.63 8.61
CA SER B 148 15.26 -10.75 8.12
C SER B 148 14.89 -9.82 9.25
N PHE B 150 11.62 -7.37 10.52
CA PHE B 150 10.23 -6.95 10.37
C PHE B 150 9.79 -6.07 11.54
N PHE B 151 9.56 -4.78 11.29
CA PHE B 151 9.14 -3.87 12.34
C PHE B 151 7.79 -4.28 12.90
N GLY B 152 7.66 -4.18 14.22
CA GLY B 152 6.41 -4.52 14.89
C GLY B 152 5.59 -3.26 15.08
N PRO B 153 4.33 -3.38 15.51
CA PRO B 153 3.44 -2.23 15.73
C PRO B 153 3.91 -1.19 16.74
N LYS B 154 4.66 -1.64 17.74
CA LYS B 154 5.16 -0.75 18.78
C LYS B 154 6.35 0.06 18.28
N PHE B 155 7.28 -0.61 17.62
CA PHE B 155 8.45 0.05 17.07
C PHE B 155 8.01 1.09 16.05
N LEU B 156 7.02 0.73 15.24
CA LEU B 156 6.48 1.62 14.22
C LEU B 156 5.80 2.83 14.87
N ALA B 157 4.88 2.57 15.79
CA ALA B 157 4.14 3.64 16.44
C ALA B 157 4.94 4.56 17.36
N HIS B 158 5.88 4.00 18.12
CA HIS B 158 6.67 4.78 19.06
C HIS B 158 8.08 5.17 18.63
N LYS B 159 8.57 4.60 17.53
CA LYS B 159 9.93 4.93 17.08
C LYS B 159 10.00 5.49 15.66
N LEU B 160 8.98 5.25 14.87
CA LEU B 160 8.98 5.73 13.49
C LEU B 160 7.84 6.68 13.12
N TYR B 161 6.66 6.45 13.70
CA TYR B 161 5.46 7.26 13.41
C TYR B 161 4.95 8.08 14.59
N GLN B 162 5.78 8.26 15.61
CA GLN B 162 5.40 9.00 16.82
C GLN B 162 4.73 10.34 16.55
N LEU B 163 5.08 11.01 15.47
CA LEU B 163 4.46 12.30 15.19
C LEU B 163 3.49 12.25 14.01
N CYS B 164 3.20 11.04 13.56
CA CYS B 164 2.28 10.86 12.43
C CYS B 164 0.87 10.56 12.97
N SER B 165 -0.10 10.43 12.06
CA SER B 165 -1.49 10.19 12.45
C SER B 165 -1.87 8.72 12.54
N PRO B 166 -2.98 8.42 13.24
CA PRO B 166 -3.40 7.04 13.36
C PRO B 166 -3.72 6.44 11.96
N GLU B 167 -4.10 7.29 11.02
CA GLU B 167 -4.39 6.82 9.67
C GLU B 167 -3.07 6.31 9.07
N ASP B 168 -2.01 7.10 9.23
CA ASP B 168 -0.70 6.73 8.72
C ASP B 168 -0.30 5.39 9.36
N LEU B 169 -0.56 5.25 10.66
CA LEU B 169 -0.21 4.02 11.35
C LEU B 169 -1.00 2.82 10.83
N ALA B 170 -2.29 3.01 10.56
CA ALA B 170 -3.11 1.93 10.05
C ALA B 170 -2.64 1.54 8.64
N LEU B 171 -2.31 2.54 7.82
CA LEU B 171 -1.84 2.25 6.46
C LEU B 171 -0.59 1.38 6.50
N ALA B 172 0.40 1.81 7.29
CA ALA B 172 1.66 1.09 7.40
C ALA B 172 1.47 -0.33 7.93
N SER B 173 0.56 -0.48 8.88
CA SER B 173 0.29 -1.78 9.48
C SER B 173 -0.25 -2.79 8.46
N SER B 174 -0.97 -2.29 7.44
CA SER B 174 -1.52 -3.19 6.44
C SER B 174 -0.57 -3.39 5.26
N LEU B 175 0.55 -2.67 5.25
CA LEU B 175 1.48 -2.78 4.13
C LEU B 175 2.92 -3.20 4.46
N VAL B 176 3.38 -2.95 5.69
CA VAL B 176 4.77 -3.31 6.02
C VAL B 176 5.08 -4.79 5.82
N ARG B 177 6.26 -5.06 5.28
CA ARG B 177 6.71 -6.41 5.02
C ARG B 177 8.13 -6.55 5.52
N PRO B 178 8.56 -7.80 5.78
CA PRO B 178 9.91 -8.05 6.28
C PRO B 178 10.97 -7.61 5.28
N SER B 179 12.08 -7.12 5.82
CA SER B 179 13.20 -6.63 5.04
C SER B 179 14.48 -7.26 5.56
N SER B 180 15.61 -6.59 5.34
CA SER B 180 16.88 -7.09 5.83
C SER B 180 17.96 -6.02 5.68
N LEU B 181 18.98 -6.11 6.52
CA LEU B 181 20.08 -5.17 6.47
C LEU B 181 21.22 -5.74 5.63
N PHE B 182 21.14 -7.03 5.32
CA PHE B 182 22.16 -7.67 4.50
C PHE B 182 23.57 -7.46 5.03
N GLU B 184 25.76 -9.61 6.34
CA GLU B 184 26.73 -10.57 5.86
C GLU B 184 27.35 -10.14 4.54
N ASP B 185 26.52 -9.67 3.62
CA ASP B 185 26.99 -9.23 2.33
C ASP B 185 27.81 -7.95 2.36
N LEU B 186 27.30 -6.95 3.07
CA LEU B 186 27.98 -5.66 3.18
C LEU B 186 29.20 -5.64 4.09
N SER B 187 29.18 -6.44 5.15
CA SER B 187 30.29 -6.48 6.11
C SER B 187 31.60 -6.95 5.48
N LYS B 188 31.53 -7.70 4.39
CA LYS B 188 32.73 -8.22 3.75
C LYS B 188 32.87 -7.78 2.30
N ALA B 189 32.65 -6.49 2.04
CA ALA B 189 32.77 -5.95 0.69
C ALA B 189 32.89 -4.43 0.71
N LYS B 190 33.32 -3.87 -0.42
CA LYS B 190 33.44 -2.42 -0.53
C LYS B 190 32.86 -2.04 -1.88
N TYR B 191 31.54 -1.88 -1.92
CA TYR B 191 30.86 -1.54 -3.16
C TYR B 191 30.95 -0.06 -3.53
N PHE B 192 31.50 0.76 -2.64
CA PHE B 192 31.56 2.18 -2.93
C PHE B 192 32.98 2.76 -3.02
N THR B 193 33.32 3.30 -4.18
CA THR B 193 34.65 3.89 -4.38
C THR B 193 34.56 5.41 -4.52
N ASP B 194 35.61 6.09 -4.09
CA ASP B 194 35.64 7.55 -4.18
C ASP B 194 35.52 8.09 -5.60
N GLU B 195 36.08 7.37 -6.56
CA GLU B 195 36.02 7.82 -7.94
C GLU B 195 34.61 7.79 -8.54
N ARG B 196 33.81 6.80 -8.17
CA ARG B 196 32.45 6.70 -8.71
C ARG B 196 31.40 7.16 -7.69
N PHE B 197 31.17 6.36 -6.66
CA PHE B 197 30.21 6.70 -5.62
C PHE B 197 30.45 8.11 -5.08
N GLY B 198 31.70 8.37 -4.69
CA GLY B 198 32.06 9.66 -4.12
C GLY B 198 32.07 10.84 -5.07
N SER B 199 31.72 10.62 -6.34
CA SER B 199 31.71 11.72 -7.30
C SER B 199 30.31 12.35 -7.38
N VAL B 200 29.32 11.63 -6.88
CA VAL B 200 27.95 12.13 -6.90
C VAL B 200 27.70 13.04 -5.72
N LYS B 201 27.13 14.21 -6.00
CA LYS B 201 26.81 15.22 -5.00
C LYS B 201 25.85 14.65 -3.98
N ARG B 202 26.19 14.77 -2.70
CA ARG B 202 25.36 14.25 -1.63
C ARG B 202 24.69 15.33 -0.78
N VAL B 203 23.38 15.18 -0.62
CA VAL B 203 22.61 16.11 0.21
C VAL B 203 21.91 15.29 1.28
N TYR B 204 22.08 15.67 2.54
CA TYR B 204 21.44 14.94 3.64
C TYR B 204 20.32 15.78 4.25
N ILE B 205 19.15 15.18 4.41
CA ILE B 205 18.02 15.88 5.02
C ILE B 205 17.76 15.30 6.41
N VAL B 206 18.12 16.07 7.43
CA VAL B 206 17.96 15.65 8.81
C VAL B 206 16.53 15.80 9.32
N CYS B 207 16.00 14.74 9.90
CA CYS B 207 14.66 14.77 10.48
C CYS B 207 14.92 14.82 11.98
N THR B 208 14.83 16.03 12.53
CA THR B 208 15.13 16.31 13.94
C THR B 208 14.47 15.44 15.01
N GLU B 209 13.20 15.13 14.84
CA GLU B 209 12.47 14.34 15.83
C GLU B 209 12.44 12.85 15.55
N ASP B 210 13.44 12.35 14.82
CA ASP B 210 13.51 10.94 14.47
C ASP B 210 13.89 10.08 15.69
N LYS B 211 13.11 9.03 15.95
CA LYS B 211 13.38 8.14 17.07
C LYS B 211 13.93 6.79 16.60
N GLY B 212 13.79 6.49 15.32
CA GLY B 212 14.31 5.24 14.78
C GLY B 212 15.77 5.44 14.48
N ILE B 213 16.07 6.55 13.82
CA ILE B 213 17.43 6.91 13.50
C ILE B 213 17.58 8.31 14.08
N PRO B 214 17.89 8.40 15.39
CA PRO B 214 18.04 9.69 16.07
C PRO B 214 18.86 10.74 15.33
N GLU B 215 18.46 12.00 15.52
CA GLU B 215 19.13 13.13 14.90
C GLU B 215 20.62 13.12 15.17
N GLU B 216 21.00 12.71 16.38
CA GLU B 216 22.41 12.66 16.77
C GLU B 216 23.20 11.73 15.83
N PHE B 217 22.60 10.62 15.42
CA PHE B 217 23.30 9.71 14.52
C PHE B 217 23.27 10.21 13.10
N GLN B 218 22.19 10.91 12.74
CA GLN B 218 22.11 11.46 11.39
C GLN B 218 23.27 12.46 11.28
N ARG B 219 23.45 13.29 12.31
CA ARG B 219 24.53 14.29 12.30
C ARG B 219 25.91 13.65 12.31
N TRP B 220 26.04 12.52 12.97
CA TRP B 220 27.32 11.84 13.02
C TRP B 220 27.74 11.46 11.60
N GLN B 221 26.81 10.93 10.82
CA GLN B 221 27.12 10.53 9.46
C GLN B 221 27.61 11.74 8.64
N ILE B 222 26.87 12.83 8.74
CA ILE B 222 27.23 14.05 8.03
C ILE B 222 28.64 14.48 8.43
N ASP B 223 28.92 14.42 9.73
CA ASP B 223 30.25 14.82 10.21
C ASP B 223 31.32 13.78 9.89
N ASN B 224 30.91 12.52 9.76
CA ASN B 224 31.85 11.43 9.46
C ASN B 224 32.18 11.29 7.98
N ILE B 225 31.23 10.77 7.21
CA ILE B 225 31.44 10.56 5.79
C ILE B 225 31.42 11.88 5.03
N GLY B 226 30.81 12.89 5.64
CA GLY B 226 30.73 14.20 5.00
C GLY B 226 29.65 14.31 3.95
N VAL B 227 29.25 15.53 3.64
CA VAL B 227 28.21 15.74 2.66
C VAL B 227 28.45 17.05 1.91
N THR B 228 27.73 17.27 0.82
CA THR B 228 27.90 18.49 0.06
C THR B 228 27.03 19.58 0.69
N GLU B 229 25.89 19.16 1.20
CA GLU B 229 24.93 20.06 1.83
C GLU B 229 24.04 19.31 2.81
N ALA B 230 23.80 19.91 3.96
CA ALA B 230 22.95 19.31 4.98
C ALA B 230 21.72 20.19 5.16
N ILE B 231 20.55 19.59 4.99
CA ILE B 231 19.27 20.27 5.13
C ILE B 231 18.61 19.73 6.38
N GLU B 232 17.67 20.47 6.94
CA GLU B 232 17.00 20.01 8.13
C GLU B 232 15.50 20.26 8.08
N ILE B 233 14.72 19.30 8.54
CA ILE B 233 13.27 19.47 8.60
C ILE B 233 12.90 19.40 10.08
N LYS B 234 12.76 20.56 10.70
CA LYS B 234 12.43 20.63 12.11
C LYS B 234 11.02 20.14 12.39
N GLY B 235 10.87 19.36 13.44
CA GLY B 235 9.56 18.85 13.82
C GLY B 235 9.06 17.64 13.06
N ALA B 236 9.96 16.95 12.36
CA ALA B 236 9.56 15.76 11.62
C ALA B 236 10.11 14.50 12.25
N ASP B 237 9.30 13.45 12.31
CA ASP B 237 9.78 12.19 12.85
C ASP B 237 10.45 11.43 11.71
N HIS B 238 10.67 10.13 11.90
CA HIS B 238 11.32 9.30 10.88
C HIS B 238 10.60 9.33 9.53
N ALA B 240 9.21 11.55 7.43
CA ALA B 240 9.01 12.93 7.01
C ALA B 240 8.05 13.09 5.83
N LEU B 242 5.40 11.64 5.49
CA LEU B 242 4.04 11.43 5.97
C LEU B 242 3.59 12.53 6.95
N CYS B 243 4.50 13.05 7.76
CA CYS B 243 4.14 14.10 8.71
C CYS B 243 4.48 15.52 8.23
N GLU B 244 5.44 15.65 7.33
CA GLU B 244 5.81 16.97 6.79
C GLU B 244 6.05 16.92 5.28
N PRO B 245 5.09 16.40 4.51
CA PRO B 245 5.27 16.32 3.05
C PRO B 245 5.52 17.64 2.33
N GLN B 246 4.86 18.71 2.78
CA GLN B 246 5.05 20.03 2.15
C GLN B 246 6.45 20.57 2.40
N LYS B 247 6.92 20.45 3.64
CA LYS B 247 8.27 20.92 3.92
C LYS B 247 9.29 20.06 3.16
N LEU B 248 8.99 18.77 3.02
CA LEU B 248 9.89 17.88 2.31
C LEU B 248 9.93 18.30 0.84
N CYS B 249 8.74 18.56 0.29
CA CYS B 249 8.63 18.97 -1.09
C CYS B 249 9.46 20.22 -1.34
N ALA B 250 9.25 21.23 -0.50
CA ALA B 250 9.98 22.48 -0.64
C ALA B 250 11.50 22.28 -0.62
N SER B 251 12.00 21.41 0.24
CA SER B 251 13.44 21.18 0.30
C SER B 251 13.94 20.52 -0.99
N LEU B 252 13.16 19.57 -1.51
CA LEU B 252 13.52 18.86 -2.73
C LEU B 252 13.45 19.79 -3.94
N LEU B 253 12.50 20.72 -3.92
CA LEU B 253 12.38 21.65 -5.04
C LEU B 253 13.59 22.58 -5.03
N GLU B 254 13.99 23.02 -3.84
CA GLU B 254 15.12 23.92 -3.73
C GLU B 254 16.41 23.23 -4.14
N ILE B 255 16.50 21.94 -3.86
CA ILE B 255 17.67 21.16 -4.22
C ILE B 255 17.77 21.09 -5.74
N ALA B 256 16.66 20.78 -6.39
CA ALA B 256 16.64 20.70 -7.84
C ALA B 256 16.98 22.06 -8.45
N HIS B 257 16.51 23.13 -7.81
CA HIS B 257 16.76 24.49 -8.27
C HIS B 257 18.22 24.93 -8.11
N LYS B 258 18.81 24.62 -6.96
CA LYS B 258 20.21 25.01 -6.71
C LYS B 258 21.13 24.39 -7.75
N TYR B 259 20.76 23.23 -8.26
CA TYR B 259 21.56 22.54 -9.26
C TYR B 259 21.46 23.34 -10.57
N ASN B 260 20.25 23.80 -10.89
CA ASN B 260 20.02 24.58 -12.10
C ASN B 260 20.79 25.90 -12.13
N LEU B 261 21.06 26.46 -10.96
CA LEU B 261 21.80 27.71 -10.88
C LEU B 261 23.30 27.53 -11.17
N GLU B 262 23.86 26.42 -10.71
CA GLU B 262 25.27 26.14 -10.92
C GLU B 262 25.53 25.50 -12.29
N HIS B 263 24.47 25.01 -12.94
CA HIS B 263 24.61 24.40 -14.26
C HIS B 263 23.68 25.02 -15.30
N HIS B 264 22.40 24.69 -15.23
CA HIS B 264 21.40 25.20 -16.17
C HIS B 264 21.31 26.73 -16.12
#